data_8IS3
#
_entry.id   8IS3
#
_entity_poly.entity_id   1
_entity_poly.type   'polypeptide(L)'
_entity_poly.pdbx_seq_one_letter_code
;FRFPFKFRR(NH2)
;
_entity_poly.pdbx_strand_id   A
#
loop_
_chem_comp.id
_chem_comp.type
_chem_comp.name
_chem_comp.formula
NH2 non-polymer 'AMINO GROUP' 'H2 N'
#
# COMPACT_ATOMS: atom_id res chain seq x y z
N PHE A 1 -7.75 3.88 -5.58
CA PHE A 1 -7.93 2.80 -4.57
C PHE A 1 -6.56 2.37 -4.05
N ARG A 2 -6.24 2.85 -2.84
CA ARG A 2 -4.96 2.52 -2.21
C ARG A 2 -4.91 1.04 -1.87
N PHE A 3 -3.80 0.38 -2.21
CA PHE A 3 -3.63 -1.04 -1.94
C PHE A 3 -3.49 -1.30 -0.44
N PRO A 4 -3.95 -2.45 0.07
CA PRO A 4 -3.82 -2.78 1.54
C PRO A 4 -2.37 -3.04 1.94
N PHE A 5 -1.53 -3.35 0.95
CA PHE A 5 -0.13 -3.63 1.18
C PHE A 5 0.67 -2.34 1.32
N LYS A 6 1.61 -2.33 2.27
CA LYS A 6 2.45 -1.16 2.52
C LYS A 6 3.81 -1.33 1.85
N PHE A 7 4.02 -0.56 0.79
CA PHE A 7 5.28 -0.61 0.04
C PHE A 7 6.44 -0.16 0.91
N ARG A 8 6.23 0.88 1.71
CA ARG A 8 7.27 1.41 2.60
C ARG A 8 6.85 1.31 4.06
N ARG A 9 5.60 1.65 4.35
CA ARG A 9 5.08 1.61 5.71
C ARG A 9 3.59 1.89 5.73
N NH2 A 10 2.80 1.17 6.50
HN1 NH2 A 10 3.19 0.46 7.05
HN2 NH2 A 10 1.84 1.35 6.52
N PHE A 1 -7.75 3.34 -6.65
CA PHE A 1 -7.95 2.33 -5.57
C PHE A 1 -6.61 1.97 -4.96
N ARG A 2 -6.31 2.56 -3.80
CA ARG A 2 -5.05 2.29 -3.10
C ARG A 2 -5.01 0.85 -2.62
N PHE A 3 -3.89 0.18 -2.87
CA PHE A 3 -3.72 -1.21 -2.46
C PHE A 3 -3.62 -1.33 -0.93
N PRO A 4 -4.10 -2.43 -0.32
CA PRO A 4 -4.01 -2.61 1.17
C PRO A 4 -2.56 -2.79 1.63
N PHE A 5 -1.68 -3.19 0.69
CA PHE A 5 -0.28 -3.41 0.99
C PHE A 5 0.48 -2.09 0.99
N LYS A 6 1.41 -1.95 1.95
CA LYS A 6 2.21 -0.75 2.06
C LYS A 6 3.60 -0.96 1.45
N PHE A 7 3.82 -0.32 0.31
CA PHE A 7 5.10 -0.43 -0.39
C PHE A 7 6.22 0.14 0.46
N ARG A 8 5.94 1.27 1.10
CA ARG A 8 6.93 1.93 1.97
C ARG A 8 7.32 1.02 3.13
N ARG A 9 6.32 0.32 3.68
CA ARG A 9 6.54 -0.58 4.80
C ARG A 9 5.97 -1.97 4.49
N NH2 A 10 6.78 -2.92 4.11
HN1 NH2 A 10 7.73 -2.74 4.03
HN2 NH2 A 10 6.42 -3.82 3.91
N PHE A 1 -8.28 4.81 -5.74
CA PHE A 1 -8.19 3.62 -4.84
C PHE A 1 -6.72 3.28 -4.61
N ARG A 2 -6.43 2.67 -3.46
CA ARG A 2 -5.06 2.28 -3.11
C ARG A 2 -5.02 0.84 -2.62
N PHE A 3 -3.91 0.17 -2.87
CA PHE A 3 -3.73 -1.22 -2.47
C PHE A 3 -3.64 -1.34 -0.94
N PRO A 4 -4.11 -2.43 -0.33
CA PRO A 4 -4.02 -2.61 1.15
C PRO A 4 -2.57 -2.80 1.63
N PHE A 5 -1.69 -3.20 0.70
CA PHE A 5 -0.28 -3.40 0.99
C PHE A 5 0.47 -2.07 0.99
N LYS A 6 1.40 -1.94 1.93
CA LYS A 6 2.19 -0.72 2.04
C LYS A 6 3.57 -0.91 1.42
N PHE A 7 3.76 -0.31 0.26
CA PHE A 7 5.04 -0.41 -0.45
C PHE A 7 6.16 0.23 0.36
N ARG A 8 5.86 1.38 0.97
CA ARG A 8 6.84 2.09 1.78
C ARG A 8 7.30 1.22 2.95
N ARG A 9 6.33 0.54 3.57
CA ARG A 9 6.62 -0.33 4.71
C ARG A 9 5.36 -1.10 5.12
N NH2 A 10 5.35 -2.40 5.03
HN1 NH2 A 10 6.14 -2.88 4.69
HN2 NH2 A 10 4.54 -2.91 5.30
N PHE A 1 -7.76 3.54 -6.32
CA PHE A 1 -7.95 2.50 -5.28
C PHE A 1 -6.60 2.11 -4.68
N ARG A 2 -6.30 2.66 -3.50
CA ARG A 2 -5.04 2.38 -2.82
C ARG A 2 -5.01 0.92 -2.37
N PHE A 3 -3.88 0.25 -2.67
CA PHE A 3 -3.70 -1.15 -2.29
C PHE A 3 -3.58 -1.31 -0.77
N PRO A 4 -4.05 -2.43 -0.19
CA PRO A 4 -3.95 -2.66 1.28
C PRO A 4 -2.50 -2.87 1.73
N PHE A 5 -1.64 -3.23 0.78
CA PHE A 5 -0.22 -3.46 1.06
C PHE A 5 0.53 -2.15 1.11
N LYS A 6 1.47 -2.05 2.06
CA LYS A 6 2.26 -0.84 2.21
C LYS A 6 3.64 -1.04 1.59
N PHE A 7 3.87 -0.36 0.46
CA PHE A 7 5.14 -0.46 -0.24
C PHE A 7 6.27 0.09 0.63
N ARG A 8 5.99 1.20 1.31
CA ARG A 8 6.99 1.83 2.18
C ARG A 8 7.38 0.86 3.30
N ARG A 9 6.37 0.17 3.85
CA ARG A 9 6.61 -0.79 4.93
C ARG A 9 6.70 -2.20 4.37
N NH2 A 10 7.88 -2.75 4.20
HN1 NH2 A 10 8.69 -2.26 4.44
HN2 NH2 A 10 7.95 -3.66 3.85
N PHE A 1 -8.23 3.69 -6.04
CA PHE A 1 -8.30 2.63 -4.99
C PHE A 1 -6.88 2.17 -4.65
N ARG A 2 -6.34 2.69 -3.54
CA ARG A 2 -5.00 2.33 -3.11
C ARG A 2 -4.97 0.90 -2.58
N PHE A 3 -3.85 0.22 -2.83
CA PHE A 3 -3.69 -1.17 -2.39
C PHE A 3 -3.57 -1.26 -0.86
N PRO A 4 -4.04 -2.33 -0.22
CA PRO A 4 -3.94 -2.48 1.27
C PRO A 4 -2.49 -2.67 1.72
N PHE A 5 -1.63 -3.08 0.78
CA PHE A 5 -0.22 -3.31 1.07
C PHE A 5 0.55 -1.99 1.05
N LYS A 6 1.50 -1.86 1.98
CA LYS A 6 2.31 -0.65 2.08
C LYS A 6 3.67 -0.87 1.45
N PHE A 7 3.87 -0.28 0.26
CA PHE A 7 5.13 -0.41 -0.45
C PHE A 7 6.27 0.23 0.33
N ARG A 8 5.99 1.39 0.94
CA ARG A 8 6.99 2.11 1.71
C ARG A 8 7.44 1.29 2.91
N ARG A 9 6.47 0.60 3.55
CA ARG A 9 6.77 -0.23 4.71
C ARG A 9 5.53 -1.03 5.14
N NH2 A 10 5.56 -2.33 5.04
HN1 NH2 A 10 6.36 -2.79 4.71
HN2 NH2 A 10 4.77 -2.85 5.31
N PHE A 1 -8.24 5.13 -5.23
CA PHE A 1 -8.14 3.71 -4.76
C PHE A 1 -6.67 3.35 -4.54
N ARG A 2 -6.38 2.75 -3.39
CA ARG A 2 -5.01 2.36 -3.06
C ARG A 2 -4.98 0.91 -2.55
N PHE A 3 -3.85 0.23 -2.80
CA PHE A 3 -3.69 -1.16 -2.38
C PHE A 3 -3.57 -1.25 -0.85
N PRO A 4 -4.04 -2.33 -0.22
CA PRO A 4 -3.94 -2.49 1.28
C PRO A 4 -2.49 -2.69 1.72
N PHE A 5 -1.63 -3.11 0.79
CA PHE A 5 -0.22 -3.34 1.06
C PHE A 5 0.55 -2.02 1.04
N LYS A 6 1.50 -1.88 1.96
CA LYS A 6 2.31 -0.67 2.06
C LYS A 6 3.68 -0.91 1.43
N PHE A 7 3.88 -0.32 0.24
CA PHE A 7 5.14 -0.44 -0.48
C PHE A 7 6.28 0.18 0.31
N ARG A 8 6.01 1.34 0.90
CA ARG A 8 7.00 2.06 1.69
C ARG A 8 7.46 1.19 2.87
N ARG A 9 6.49 0.54 3.52
CA ARG A 9 6.77 -0.33 4.66
C ARG A 9 5.52 -1.08 5.10
N NH2 A 10 5.49 -2.38 5.02
HN1 NH2 A 10 6.27 -2.87 4.69
HN2 NH2 A 10 4.68 -2.86 5.31
N PHE A 1 -8.11 5.63 -3.65
CA PHE A 1 -8.01 4.15 -3.62
C PHE A 1 -6.55 3.74 -3.46
N ARG A 2 -6.25 3.01 -2.39
CA ARG A 2 -4.88 2.56 -2.11
C ARG A 2 -4.87 1.06 -1.80
N PHE A 3 -3.76 0.41 -2.15
CA PHE A 3 -3.62 -1.03 -1.89
C PHE A 3 -3.48 -1.32 -0.39
N PRO A 4 -3.96 -2.47 0.10
CA PRO A 4 -3.83 -2.82 1.55
C PRO A 4 -2.38 -3.08 1.96
N PHE A 5 -1.54 -3.39 0.96
CA PHE A 5 -0.12 -3.66 1.19
C PHE A 5 0.65 -2.36 1.31
N LYS A 6 1.61 -2.34 2.25
CA LYS A 6 2.44 -1.17 2.47
C LYS A 6 3.80 -1.34 1.82
N PHE A 7 4.01 -0.63 0.70
CA PHE A 7 5.26 -0.69 -0.03
C PHE A 7 6.41 -0.14 0.80
N ARG A 8 6.14 0.95 1.52
CA ARG A 8 7.15 1.58 2.37
C ARG A 8 7.61 0.59 3.45
N ARG A 9 6.64 -0.12 4.03
CA ARG A 9 6.94 -1.09 5.09
C ARG A 9 5.68 -1.87 5.48
N NH2 A 10 5.62 -3.15 5.27
HN1 NH2 A 10 6.38 -3.62 4.85
HN2 NH2 A 10 4.82 -3.66 5.51
N PHE A 1 -8.52 2.63 -6.21
CA PHE A 1 -8.33 2.69 -4.74
C PHE A 1 -6.91 2.23 -4.38
N ARG A 2 -6.39 2.74 -3.26
CA ARG A 2 -5.05 2.37 -2.81
C ARG A 2 -5.01 0.91 -2.38
N PHE A 3 -3.88 0.25 -2.66
CA PHE A 3 -3.70 -1.16 -2.30
C PHE A 3 -3.60 -1.32 -0.77
N PRO A 4 -4.06 -2.44 -0.20
CA PRO A 4 -3.96 -2.67 1.28
C PRO A 4 -2.52 -2.88 1.73
N PHE A 5 -1.65 -3.24 0.78
CA PHE A 5 -0.24 -3.47 1.06
C PHE A 5 0.52 -2.15 1.12
N LYS A 6 1.46 -2.06 2.06
CA LYS A 6 2.26 -0.84 2.21
C LYS A 6 3.64 -1.03 1.58
N PHE A 7 3.84 -0.40 0.43
CA PHE A 7 5.11 -0.49 -0.29
C PHE A 7 6.24 0.14 0.52
N ARG A 8 5.94 1.28 1.16
CA ARG A 8 6.93 1.99 1.95
C ARG A 8 7.41 1.13 3.12
N ARG A 9 6.47 0.41 3.73
CA ARG A 9 6.79 -0.46 4.86
C ARG A 9 5.57 -1.28 5.27
N NH2 A 10 4.53 -0.69 5.79
HN1 NH2 A 10 4.53 0.28 5.91
HN2 NH2 A 10 3.74 -1.20 6.06
N PHE A 1 -8.33 5.14 -4.77
CA PHE A 1 -8.18 3.67 -4.74
C PHE A 1 -6.71 3.31 -4.54
N ARG A 2 -6.40 2.73 -3.38
CA ARG A 2 -5.03 2.33 -3.06
C ARG A 2 -4.99 0.91 -2.55
N PHE A 3 -3.87 0.22 -2.81
CA PHE A 3 -3.70 -1.16 -2.38
C PHE A 3 -3.58 -1.26 -0.85
N PRO A 4 -4.06 -2.34 -0.21
CA PRO A 4 -3.94 -2.49 1.28
C PRO A 4 -2.49 -2.69 1.72
N PHE A 5 -1.64 -3.11 0.79
CA PHE A 5 -0.22 -3.33 1.06
C PHE A 5 0.54 -2.01 1.04
N LYS A 6 1.50 -1.87 1.97
CA LYS A 6 2.31 -0.66 2.06
C LYS A 6 3.68 -0.90 1.43
N PHE A 7 3.88 -0.33 0.23
CA PHE A 7 5.13 -0.47 -0.48
C PHE A 7 6.27 0.20 0.30
N ARG A 8 5.98 1.37 0.86
CA ARG A 8 6.97 2.12 1.65
C ARG A 8 6.43 2.43 3.05
N ARG A 9 5.15 2.79 3.11
CA ARG A 9 4.51 3.13 4.39
C ARG A 9 3.00 3.32 4.22
N NH2 A 10 2.39 2.82 3.17
HN1 NH2 A 10 2.91 2.34 2.49
HN2 NH2 A 10 1.43 2.95 3.06
N PHE A 1 -8.21 4.96 -1.84
CA PHE A 1 -8.29 3.51 -1.48
C PHE A 1 -6.92 2.87 -1.63
N ARG A 2 -6.41 2.86 -2.87
CA ARG A 2 -5.10 2.27 -3.16
C ARG A 2 -5.05 0.82 -2.67
N PHE A 3 -3.91 0.16 -2.91
CA PHE A 3 -3.74 -1.23 -2.49
C PHE A 3 -3.64 -1.33 -0.96
N PRO A 4 -4.11 -2.43 -0.35
CA PRO A 4 -4.03 -2.61 1.14
C PRO A 4 -2.58 -2.78 1.61
N PHE A 5 -1.71 -3.17 0.69
CA PHE A 5 -0.30 -3.38 0.99
C PHE A 5 0.45 -2.05 0.99
N LYS A 6 1.39 -1.91 1.92
CA LYS A 6 2.18 -0.68 2.04
C LYS A 6 3.55 -0.87 1.41
N PHE A 7 3.73 -0.32 0.21
CA PHE A 7 5.00 -0.43 -0.51
C PHE A 7 6.11 0.28 0.26
N ARG A 8 5.78 1.46 0.80
CA ARG A 8 6.75 2.26 1.56
C ARG A 8 6.14 2.75 2.87
N ARG A 9 4.86 3.12 2.81
CA ARG A 9 4.14 3.61 3.98
C ARG A 9 2.63 3.53 3.78
N NH2 A 10 2.14 3.65 2.58
HN1 NH2 A 10 2.74 3.78 1.81
HN2 NH2 A 10 1.17 3.60 2.43
N PHE A 1 -7.78 3.31 -6.67
CA PHE A 1 -7.97 2.31 -5.59
C PHE A 1 -6.63 1.95 -4.98
N ARG A 2 -6.33 2.54 -3.82
CA ARG A 2 -5.07 2.28 -3.12
C ARG A 2 -5.02 0.84 -2.62
N PHE A 3 -3.91 0.17 -2.88
CA PHE A 3 -3.72 -1.22 -2.47
C PHE A 3 -3.61 -1.33 -0.94
N PRO A 4 -4.08 -2.42 -0.32
CA PRO A 4 -3.99 -2.60 1.16
C PRO A 4 -2.54 -2.78 1.63
N PHE A 5 -1.68 -3.18 0.68
CA PHE A 5 -0.26 -3.39 0.98
C PHE A 5 0.50 -2.07 1.00
N LYS A 6 1.42 -1.94 1.95
CA LYS A 6 2.22 -0.73 2.08
C LYS A 6 3.61 -0.93 1.48
N PHE A 7 3.84 -0.30 0.33
CA PHE A 7 5.12 -0.41 -0.36
C PHE A 7 6.24 0.18 0.50
N ARG A 8 5.95 1.29 1.17
CA ARG A 8 6.92 1.98 2.04
C ARG A 8 8.05 2.59 1.21
N ARG A 9 8.92 1.73 0.65
CA ARG A 9 10.04 2.20 -0.17
C ARG A 9 10.85 3.28 0.56
N NH2 A 10 11.92 2.93 1.23
HN1 NH2 A 10 12.20 2.00 1.25
HN2 NH2 A 10 12.45 3.61 1.69
N PHE A 1 -8.50 4.96 -5.07
CA PHE A 1 -8.37 3.60 -4.49
C PHE A 1 -6.90 3.29 -4.23
N ARG A 2 -6.63 2.62 -3.11
CA ARG A 2 -5.25 2.26 -2.75
C ARG A 2 -5.17 0.77 -2.38
N PHE A 3 -4.01 0.17 -2.63
CA PHE A 3 -3.80 -1.24 -2.33
C PHE A 3 -3.75 -1.47 -0.81
N PRO A 4 -4.20 -2.63 -0.31
CA PRO A 4 -4.16 -2.93 1.17
C PRO A 4 -2.72 -3.07 1.67
N PHE A 5 -1.80 -3.37 0.75
CA PHE A 5 -0.40 -3.54 1.09
C PHE A 5 0.30 -2.19 1.21
N LYS A 6 1.18 -2.07 2.20
CA LYS A 6 1.93 -0.84 2.42
C LYS A 6 3.33 -0.94 1.86
N PHE A 7 3.57 -0.24 0.76
CA PHE A 7 4.87 -0.24 0.10
C PHE A 7 5.94 0.33 1.03
N ARG A 8 5.58 1.41 1.73
CA ARG A 8 6.50 2.07 2.66
C ARG A 8 6.89 1.12 3.77
N ARG A 9 5.92 0.34 4.26
CA ARG A 9 6.16 -0.62 5.34
C ARG A 9 4.90 -1.43 5.62
N NH2 A 10 4.85 -2.69 5.27
HN1 NH2 A 10 5.63 -3.11 4.84
HN2 NH2 A 10 4.05 -3.22 5.44
N PHE A 1 -8.30 5.14 -4.78
CA PHE A 1 -8.13 3.66 -4.87
C PHE A 1 -6.67 3.31 -4.64
N ARG A 2 -6.39 2.70 -3.48
CA ARG A 2 -5.04 2.29 -3.13
C ARG A 2 -5.01 0.84 -2.65
N PHE A 3 -3.89 0.17 -2.89
CA PHE A 3 -3.73 -1.22 -2.48
C PHE A 3 -3.64 -1.34 -0.95
N PRO A 4 -4.11 -2.43 -0.34
CA PRO A 4 -4.03 -2.61 1.14
C PRO A 4 -2.58 -2.78 1.62
N PHE A 5 -1.71 -3.17 0.69
CA PHE A 5 -0.29 -3.38 0.99
C PHE A 5 0.45 -2.05 0.99
N LYS A 6 1.40 -1.91 1.92
CA LYS A 6 2.18 -0.68 2.04
C LYS A 6 3.56 -0.87 1.40
N PHE A 7 3.73 -0.32 0.21
CA PHE A 7 5.00 -0.43 -0.52
C PHE A 7 6.11 0.30 0.25
N ARG A 8 5.78 1.47 0.79
CA ARG A 8 6.75 2.27 1.55
C ARG A 8 6.17 2.68 2.90
N ARG A 9 4.90 3.06 2.89
CA ARG A 9 4.22 3.49 4.11
C ARG A 9 2.71 3.58 3.91
N NH2 A 10 2.23 3.83 2.72
HN1 NH2 A 10 2.85 3.95 1.97
HN2 NH2 A 10 1.26 3.88 2.58
N PHE A 1 -8.12 5.02 -1.79
CA PHE A 1 -8.23 3.58 -1.45
C PHE A 1 -6.85 2.92 -1.59
N ARG A 2 -6.34 2.91 -2.83
CA ARG A 2 -5.04 2.31 -3.11
C ARG A 2 -5.01 0.85 -2.63
N PHE A 3 -3.88 0.18 -2.87
CA PHE A 3 -3.72 -1.21 -2.46
C PHE A 3 -3.63 -1.33 -0.94
N PRO A 4 -4.11 -2.43 -0.33
CA PRO A 4 -4.02 -2.62 1.15
C PRO A 4 -2.58 -2.79 1.62
N PHE A 5 -1.70 -3.19 0.69
CA PHE A 5 -0.28 -3.40 0.99
C PHE A 5 0.46 -2.07 0.99
N LYS A 6 1.39 -1.92 1.93
CA LYS A 6 2.18 -0.70 2.05
C LYS A 6 3.56 -0.89 1.42
N PHE A 7 3.74 -0.30 0.23
CA PHE A 7 5.01 -0.38 -0.48
C PHE A 7 6.12 0.30 0.30
N ARG A 8 5.80 1.45 0.88
CA ARG A 8 6.77 2.21 1.68
C ARG A 8 7.26 1.37 2.86
N ARG A 9 6.31 0.69 3.51
CA ARG A 9 6.63 -0.16 4.66
C ARG A 9 5.40 -0.95 5.10
N NH2 A 10 5.43 -2.25 5.06
HN1 NH2 A 10 6.24 -2.72 4.76
HN2 NH2 A 10 4.64 -2.78 5.34
N PHE A 1 -8.32 5.14 -4.73
CA PHE A 1 -8.14 3.66 -4.79
C PHE A 1 -6.68 3.31 -4.57
N ARG A 2 -6.38 2.73 -3.39
CA ARG A 2 -5.02 2.34 -3.06
C ARG A 2 -4.98 0.91 -2.55
N PHE A 3 -3.86 0.22 -2.80
CA PHE A 3 -3.70 -1.17 -2.37
C PHE A 3 -3.57 -1.25 -0.84
N PRO A 4 -4.05 -2.34 -0.21
CA PRO A 4 -3.93 -2.50 1.28
C PRO A 4 -2.48 -2.69 1.73
N PHE A 5 -1.63 -3.11 0.79
CA PHE A 5 -0.21 -3.33 1.07
C PHE A 5 0.55 -2.02 1.03
N LYS A 6 1.50 -1.88 1.97
CA LYS A 6 2.31 -0.66 2.06
C LYS A 6 3.68 -0.90 1.44
N PHE A 7 3.90 -0.31 0.26
CA PHE A 7 5.17 -0.44 -0.45
C PHE A 7 6.30 0.16 0.39
N ARG A 8 6.04 1.31 1.01
CA ARG A 8 7.02 1.99 1.83
C ARG A 8 7.42 1.09 3.00
N ARG A 9 6.43 0.43 3.60
CA ARG A 9 6.66 -0.46 4.73
C ARG A 9 7.62 -1.59 4.34
N NH2 A 10 7.42 -2.22 3.22
HN1 NH2 A 10 6.68 -1.97 2.63
HN2 NH2 A 10 8.03 -2.95 2.95
N PHE A 1 -7.11 4.64 -5.61
CA PHE A 1 -7.36 3.58 -4.62
C PHE A 1 -6.06 2.80 -4.35
N ARG A 2 -5.42 3.13 -3.23
CA ARG A 2 -4.17 2.47 -2.85
C ARG A 2 -4.42 1.03 -2.44
N PHE A 3 -3.46 0.15 -2.73
CA PHE A 3 -3.57 -1.27 -2.38
C PHE A 3 -3.49 -1.46 -0.87
N PRO A 4 -4.11 -2.51 -0.31
CA PRO A 4 -4.05 -2.78 1.16
C PRO A 4 -2.59 -2.89 1.62
N PHE A 5 -1.72 -3.27 0.69
CA PHE A 5 -0.29 -3.41 0.96
C PHE A 5 0.40 -2.05 0.94
N LYS A 6 1.33 -1.84 1.87
CA LYS A 6 2.06 -0.59 1.95
C LYS A 6 3.42 -0.71 1.27
N PHE A 7 3.55 -0.05 0.12
CA PHE A 7 4.80 -0.06 -0.64
C PHE A 7 5.93 0.56 0.16
N ARG A 8 5.62 1.66 0.84
CA ARG A 8 6.61 2.36 1.67
C ARG A 8 7.13 1.43 2.76
N ARG A 9 6.20 0.68 3.37
CA ARG A 9 6.54 -0.25 4.44
C ARG A 9 6.28 -1.68 4.00
N NH2 A 10 7.27 -2.43 3.59
HN1 NH2 A 10 8.17 -2.06 3.57
HN2 NH2 A 10 7.10 -3.35 3.30
N PHE A 1 -8.28 5.25 -4.74
CA PHE A 1 -8.16 3.81 -4.40
C PHE A 1 -6.70 3.45 -4.21
N ARG A 2 -6.40 2.80 -3.08
CA ARG A 2 -5.03 2.38 -2.77
C ARG A 2 -4.99 0.92 -2.35
N PHE A 3 -3.88 0.25 -2.63
CA PHE A 3 -3.71 -1.15 -2.28
C PHE A 3 -3.59 -1.33 -0.76
N PRO A 4 -4.06 -2.44 -0.19
CA PRO A 4 -3.96 -2.69 1.29
C PRO A 4 -2.51 -2.89 1.73
N PHE A 5 -1.64 -3.25 0.78
CA PHE A 5 -0.23 -3.47 1.05
C PHE A 5 0.53 -2.16 1.10
N LYS A 6 1.47 -2.05 2.05
CA LYS A 6 2.26 -0.85 2.20
C LYS A 6 3.63 -1.03 1.58
N PHE A 7 3.86 -0.37 0.45
CA PHE A 7 5.13 -0.46 -0.26
C PHE A 7 6.27 0.10 0.59
N ARG A 8 5.98 1.20 1.29
CA ARG A 8 6.98 1.84 2.16
C ARG A 8 8.25 2.16 1.36
N ARG A 9 8.07 2.58 0.11
CA ARG A 9 9.20 2.91 -0.76
C ARG A 9 8.72 3.73 -1.98
N NH2 A 10 7.62 4.43 -1.89
HN1 NH2 A 10 7.10 4.42 -1.07
HN2 NH2 A 10 7.31 4.96 -2.66
N PHE A 1 -8.32 5.29 -4.46
CA PHE A 1 -8.18 3.80 -4.38
C PHE A 1 -6.71 3.44 -4.19
N ARG A 2 -6.41 2.79 -3.06
CA ARG A 2 -5.04 2.39 -2.75
C ARG A 2 -5.00 0.92 -2.33
N PHE A 3 -3.88 0.26 -2.62
CA PHE A 3 -3.71 -1.14 -2.27
C PHE A 3 -3.59 -1.32 -0.75
N PRO A 4 -4.06 -2.44 -0.18
CA PRO A 4 -3.95 -2.69 1.30
C PRO A 4 -2.50 -2.89 1.74
N PHE A 5 -1.64 -3.25 0.79
CA PHE A 5 -0.23 -3.48 1.05
C PHE A 5 0.53 -2.16 1.09
N LYS A 6 1.46 -2.06 2.04
CA LYS A 6 2.27 -0.86 2.20
C LYS A 6 3.65 -1.06 1.58
N PHE A 7 3.87 -0.38 0.46
CA PHE A 7 5.15 -0.48 -0.25
C PHE A 7 6.28 0.08 0.62
N ARG A 8 6.00 1.18 1.32
CA ARG A 8 7.00 1.81 2.19
C ARG A 8 8.28 2.12 1.40
N ARG A 9 8.12 2.48 0.12
CA ARG A 9 9.26 2.80 -0.74
C ARG A 9 8.78 3.53 -1.99
N NH2 A 10 9.44 4.58 -2.40
HN1 NH2 A 10 10.22 4.90 -1.91
HN2 NH2 A 10 9.14 5.06 -3.20
N PHE A 1 -7.66 3.44 -6.63
CA PHE A 1 -7.88 2.43 -5.56
C PHE A 1 -6.55 2.03 -4.95
N ARG A 2 -6.23 2.61 -3.79
CA ARG A 2 -4.97 2.33 -3.10
C ARG A 2 -4.97 0.88 -2.62
N PHE A 3 -3.85 0.18 -2.88
CA PHE A 3 -3.71 -1.21 -2.47
C PHE A 3 -3.61 -1.33 -0.94
N PRO A 4 -4.09 -2.42 -0.34
CA PRO A 4 -4.02 -2.61 1.15
C PRO A 4 -2.57 -2.79 1.62
N PHE A 5 -1.69 -3.19 0.69
CA PHE A 5 -0.28 -3.40 0.99
C PHE A 5 0.47 -2.07 0.99
N LYS A 6 1.39 -1.93 1.94
CA LYS A 6 2.18 -0.71 2.05
C LYS A 6 3.56 -0.90 1.43
N PHE A 7 3.76 -0.27 0.27
CA PHE A 7 5.03 -0.36 -0.45
C PHE A 7 6.15 0.25 0.38
N ARG A 8 5.85 1.37 1.06
CA ARG A 8 6.84 2.07 1.89
C ARG A 8 8.07 2.52 1.09
N ARG A 9 7.90 2.67 -0.23
CA ARG A 9 8.99 3.09 -1.10
C ARG A 9 8.49 3.37 -2.51
N NH2 A 10 9.26 4.01 -3.36
HN1 NH2 A 10 10.15 4.31 -3.07
HN2 NH2 A 10 8.95 4.20 -4.26
N PHE A 1 -8.12 3.97 -5.70
CA PHE A 1 -8.21 2.87 -4.70
C PHE A 1 -6.80 2.37 -4.38
N ARG A 2 -6.27 2.82 -3.23
CA ARG A 2 -4.93 2.42 -2.79
C ARG A 2 -4.94 0.96 -2.37
N PHE A 3 -3.83 0.26 -2.65
CA PHE A 3 -3.68 -1.14 -2.29
C PHE A 3 -3.58 -1.32 -0.76
N PRO A 4 -4.05 -2.43 -0.19
CA PRO A 4 -3.96 -2.67 1.29
C PRO A 4 -2.51 -2.88 1.74
N PHE A 5 -1.65 -3.24 0.78
CA PHE A 5 -0.23 -3.46 1.06
C PHE A 5 0.53 -2.15 1.12
N LYS A 6 1.46 -2.06 2.06
CA LYS A 6 2.26 -0.84 2.22
C LYS A 6 3.65 -1.02 1.60
N PHE A 7 3.83 -0.39 0.44
CA PHE A 7 5.10 -0.47 -0.29
C PHE A 7 6.23 0.21 0.47
N ARG A 8 5.90 1.34 1.11
CA ARG A 8 6.89 2.10 1.87
C ARG A 8 7.46 1.27 3.02
N ARG A 9 6.60 0.49 3.67
CA ARG A 9 7.03 -0.36 4.78
C ARG A 9 5.87 -1.24 5.27
N NH2 A 10 4.73 -0.70 5.56
HN1 NH2 A 10 4.60 0.27 5.44
HN2 NH2 A 10 3.99 -1.25 5.87
#